data_7MRJ
#
_entry.id   7MRJ
#
_cell.length_a   67.676
_cell.length_b   67.676
_cell.length_c   89.528
_cell.angle_alpha   90.000
_cell.angle_beta   90.000
_cell.angle_gamma   90.000
#
_symmetry.space_group_name_H-M   'P 43 21 2'
#
loop_
_entity.id
_entity.type
_entity.pdbx_description
1 polymer 'Ubiquitin domain-containing protein TINCR'
2 non-polymer GLYCEROL
3 non-polymer 'CHLORIDE ION'
4 non-polymer 'ACETATE ION'
5 water water
#
_entity_poly.entity_id   1
_entity_poly.type   'polypeptide(L)'
_entity_poly.pdbx_seq_one_letter_code
;MGSSHHHHHHSSGLVPRGSEGLRRGLSRWKRYHIKVHLADEALLLPLTVRPRDTLSDLRAQLVGQGVSSWKRAFYYNARR
LDDHQTVRDARLQDGSVLLLVSDPR
;
_entity_poly.pdbx_strand_id   A,B
#
# COMPACT_ATOMS: atom_id res chain seq x y z
N GLU A 20 -19.64 23.87 -16.47
CA GLU A 20 -20.41 22.63 -16.36
C GLU A 20 -19.47 21.43 -16.41
N GLY A 21 -19.31 20.86 -17.61
CA GLY A 21 -18.41 19.75 -17.80
C GLY A 21 -17.30 20.10 -18.76
N LEU A 22 -17.02 21.41 -18.88
CA LEU A 22 -15.95 21.87 -19.76
C LEU A 22 -14.60 21.37 -19.28
N ARG A 23 -14.26 21.64 -18.02
CA ARG A 23 -13.01 21.19 -17.42
C ARG A 23 -12.82 19.69 -17.63
N ARG A 24 -13.74 18.90 -17.10
CA ARG A 24 -13.65 17.45 -17.27
C ARG A 24 -13.74 17.05 -18.73
N GLY A 25 -14.40 17.86 -19.57
CA GLY A 25 -14.46 17.55 -20.99
C GLY A 25 -13.11 17.67 -21.69
N LEU A 26 -12.35 18.71 -21.36
CA LEU A 26 -11.04 18.91 -21.96
C LEU A 26 -9.98 17.97 -21.41
N SER A 27 -10.34 17.06 -20.49
CA SER A 27 -9.37 16.11 -19.95
C SER A 27 -9.81 14.69 -20.23
N ARG A 28 -10.11 14.39 -21.50
CA ARG A 28 -10.60 13.06 -21.85
C ARG A 28 -9.49 12.02 -21.78
N TRP A 29 -8.24 12.44 -22.03
CA TRP A 29 -7.10 11.51 -22.05
C TRP A 29 -6.33 11.51 -20.74
N LYS A 30 -7.01 11.83 -19.64
CA LYS A 30 -6.35 11.86 -18.34
C LYS A 30 -6.16 10.44 -17.81
N ARG A 31 -4.91 10.11 -17.47
CA ARG A 31 -4.55 8.81 -16.93
C ARG A 31 -3.90 9.01 -15.57
N TYR A 32 -4.29 8.21 -14.59
CA TYR A 32 -3.62 8.17 -13.29
C TYR A 32 -2.61 7.02 -13.26
N HIS A 33 -1.43 7.30 -12.73
CA HIS A 33 -0.44 6.26 -12.47
C HIS A 33 -0.49 5.93 -10.99
N ILE A 34 -1.04 4.77 -10.65
CA ILE A 34 -1.25 4.40 -9.26
C ILE A 34 -0.42 3.18 -8.91
N LYS A 35 -0.47 2.75 -7.65
CA LYS A 35 0.23 1.57 -7.18
C LYS A 35 -0.74 0.72 -6.39
N VAL A 36 -0.72 -0.58 -6.63
CA VAL A 36 -1.49 -1.54 -5.84
C VAL A 36 -0.48 -2.31 -4.99
N HIS A 37 -0.56 -2.12 -3.68
CA HIS A 37 0.27 -2.88 -2.75
C HIS A 37 -0.41 -4.23 -2.54
N LEU A 38 0.17 -5.30 -3.09
CA LEU A 38 -0.31 -6.65 -2.79
C LEU A 38 0.25 -7.04 -1.42
N ALA A 39 -0.61 -7.05 -0.40
CA ALA A 39 -0.16 -7.30 0.96
C ALA A 39 0.56 -8.64 1.08
N ASP A 40 -0.01 -9.70 0.49
CA ASP A 40 0.53 -11.06 0.62
C ASP A 40 1.93 -11.17 0.05
N GLU A 41 2.15 -10.62 -1.15
CA GLU A 41 3.46 -10.65 -1.79
C GLU A 41 4.39 -9.51 -1.37
N ALA A 42 3.90 -8.54 -0.60
CA ALA A 42 4.67 -7.32 -0.28
C ALA A 42 5.28 -6.71 -1.55
N LEU A 43 4.46 -6.60 -2.59
CA LEU A 43 4.84 -6.05 -3.89
C LEU A 43 3.97 -4.83 -4.20
N LEU A 44 4.56 -3.86 -4.92
CA LEU A 44 3.86 -2.65 -5.38
C LEU A 44 3.73 -2.69 -6.89
N LEU A 45 2.55 -3.05 -7.39
CA LEU A 45 2.29 -3.17 -8.82
C LEU A 45 1.77 -1.85 -9.37
N PRO A 46 2.48 -1.19 -10.29
CA PRO A 46 1.95 0.04 -10.89
C PRO A 46 0.89 -0.27 -11.94
N LEU A 47 -0.21 0.50 -11.89
CA LEU A 47 -1.28 0.43 -12.88
C LEU A 47 -1.55 1.81 -13.45
N THR A 48 -1.73 1.88 -14.77
CA THR A 48 -2.25 3.10 -15.39
C THR A 48 -3.77 2.95 -15.48
N VAL A 49 -4.50 3.92 -14.92
CA VAL A 49 -5.96 3.84 -14.83
C VAL A 49 -6.57 5.18 -15.22
N ARG A 50 -7.84 5.14 -15.63
CA ARG A 50 -8.77 6.22 -15.97
C ARG A 50 -9.73 6.46 -14.82
N PRO A 51 -10.09 7.72 -14.54
CA PRO A 51 -11.07 7.97 -13.45
C PRO A 51 -12.41 7.30 -13.68
N ARG A 52 -12.76 6.97 -14.93
CA ARG A 52 -13.97 6.20 -15.21
C ARG A 52 -13.85 4.74 -14.77
N ASP A 53 -12.64 4.19 -14.73
CA ASP A 53 -12.46 2.77 -14.44
C ASP A 53 -13.12 2.38 -13.13
N THR A 54 -13.72 1.20 -13.09
CA THR A 54 -14.17 0.64 -11.82
C THR A 54 -13.03 -0.18 -11.21
N LEU A 55 -13.11 -0.40 -9.90
CA LEU A 55 -12.17 -1.31 -9.26
C LEU A 55 -12.18 -2.69 -9.91
N SER A 56 -13.31 -3.09 -10.51
CA SER A 56 -13.38 -4.33 -11.27
C SER A 56 -12.43 -4.32 -12.46
N ASP A 57 -12.38 -3.20 -13.18
CA ASP A 57 -11.37 -3.04 -14.23
C ASP A 57 -9.96 -3.20 -13.68
N LEU A 58 -9.71 -2.63 -12.49
CA LEU A 58 -8.40 -2.77 -11.87
C LEU A 58 -8.13 -4.23 -11.53
N ARG A 59 -9.12 -4.90 -10.93
CA ARG A 59 -8.99 -6.33 -10.69
C ARG A 59 -8.67 -7.08 -11.98
N ALA A 60 -9.36 -6.75 -13.08
CA ALA A 60 -9.11 -7.40 -14.36
C ALA A 60 -7.68 -7.18 -14.84
N GLN A 61 -7.16 -5.95 -14.72
CA GLN A 61 -5.76 -5.70 -15.03
C GLN A 61 -4.84 -6.57 -14.17
N LEU A 62 -5.13 -6.67 -12.88
CA LEU A 62 -4.26 -7.43 -12.00
C LEU A 62 -4.30 -8.92 -12.34
N VAL A 63 -5.49 -9.44 -12.64
CA VAL A 63 -5.63 -10.82 -13.09
C VAL A 63 -4.80 -11.07 -14.34
N GLY A 64 -4.76 -10.10 -15.25
CA GLY A 64 -3.92 -10.21 -16.43
C GLY A 64 -2.44 -10.29 -16.11
N GLN A 65 -2.05 -9.89 -14.90
CA GLN A 65 -0.66 -9.99 -14.48
C GLN A 65 -0.40 -11.21 -13.60
N GLY A 66 -1.38 -12.11 -13.49
CA GLY A 66 -1.21 -13.32 -12.70
C GLY A 66 -1.48 -13.18 -11.22
N VAL A 67 -2.00 -12.04 -10.77
CA VAL A 67 -2.36 -11.87 -9.37
C VAL A 67 -3.55 -12.76 -9.07
N SER A 68 -3.43 -13.60 -8.03
CA SER A 68 -4.54 -14.44 -7.61
C SER A 68 -5.57 -13.58 -6.89
N SER A 69 -6.57 -13.12 -7.64
CA SER A 69 -7.55 -12.18 -7.12
C SER A 69 -8.67 -12.82 -6.31
N TRP A 70 -8.77 -14.15 -6.32
CA TRP A 70 -9.86 -14.81 -5.61
C TRP A 70 -9.84 -14.43 -4.14
N LYS A 71 -10.93 -13.85 -3.65
CA LYS A 71 -11.09 -13.48 -2.25
C LYS A 71 -10.04 -12.46 -1.80
N ARG A 72 -9.83 -11.43 -2.62
CA ARG A 72 -8.99 -10.31 -2.26
C ARG A 72 -9.80 -9.04 -2.49
N ALA A 73 -9.65 -8.06 -1.61
CA ALA A 73 -10.41 -6.82 -1.68
C ALA A 73 -9.47 -5.63 -1.64
N PHE A 74 -9.89 -4.55 -2.28
CA PHE A 74 -9.13 -3.30 -2.28
C PHE A 74 -9.49 -2.45 -1.07
N TYR A 75 -8.48 -1.81 -0.50
CA TYR A 75 -8.66 -0.87 0.60
C TYR A 75 -7.91 0.40 0.27
N TYR A 76 -8.52 1.55 0.59
CA TYR A 76 -7.85 2.83 0.45
C TYR A 76 -8.09 3.65 1.71
N ASN A 77 -6.99 4.19 2.27
CA ASN A 77 -6.99 4.82 3.58
C ASN A 77 -7.43 3.85 4.67
N ALA A 78 -7.16 2.56 4.44
CA ALA A 78 -7.47 1.46 5.35
C ALA A 78 -8.98 1.20 5.47
N ARG A 79 -9.78 1.61 4.49
CA ARG A 79 -11.20 1.26 4.44
C ARG A 79 -11.53 0.48 3.17
N ARG A 80 -12.35 -0.57 3.35
CA ARG A 80 -12.64 -1.51 2.28
C ARG A 80 -13.46 -0.87 1.17
N LEU A 81 -13.10 -1.18 -0.07
CA LEU A 81 -13.75 -0.59 -1.23
C LEU A 81 -14.59 -1.62 -1.94
N ASP A 82 -15.77 -1.21 -2.38
CA ASP A 82 -16.62 -2.07 -3.19
C ASP A 82 -16.10 -2.09 -4.62
N ASP A 83 -16.14 -3.28 -5.22
CA ASP A 83 -15.54 -3.48 -6.54
C ASP A 83 -16.16 -2.63 -7.63
N HIS A 84 -17.35 -2.07 -7.40
CA HIS A 84 -17.99 -1.27 -8.43
C HIS A 84 -17.85 0.23 -8.20
N GLN A 85 -17.14 0.66 -7.16
CA GLN A 85 -16.72 2.05 -7.11
C GLN A 85 -15.79 2.34 -8.27
N THR A 86 -15.73 3.61 -8.67
CA THR A 86 -14.83 4.02 -9.73
C THR A 86 -13.57 4.66 -9.13
N VAL A 87 -12.53 4.75 -9.96
CA VAL A 87 -11.31 5.44 -9.55
C VAL A 87 -11.65 6.86 -9.12
N ARG A 88 -12.58 7.51 -9.82
CA ARG A 88 -13.02 8.84 -9.41
C ARG A 88 -13.73 8.78 -8.06
N ASP A 89 -14.69 7.86 -7.90
CA ASP A 89 -15.42 7.76 -6.64
C ASP A 89 -14.49 7.47 -5.48
N ALA A 90 -13.51 6.59 -5.69
CA ALA A 90 -12.50 6.32 -4.66
C ALA A 90 -11.61 7.52 -4.37
N ARG A 91 -11.73 8.60 -5.15
CA ARG A 91 -10.89 9.79 -5.02
C ARG A 91 -9.40 9.44 -5.07
N LEU A 92 -9.04 8.61 -6.04
CA LEU A 92 -7.65 8.32 -6.32
C LEU A 92 -7.08 9.39 -7.26
N GLN A 93 -5.76 9.49 -7.26
CA GLN A 93 -5.10 10.45 -8.14
C GLN A 93 -3.72 9.90 -8.45
N ASP A 94 -2.99 10.65 -9.27
CA ASP A 94 -1.62 10.30 -9.59
C ASP A 94 -0.85 9.95 -8.32
N GLY A 95 -0.22 8.77 -8.31
CA GLY A 95 0.59 8.32 -7.20
C GLY A 95 -0.16 7.60 -6.10
N SER A 96 -1.49 7.55 -6.14
CA SER A 96 -2.24 6.90 -5.05
C SER A 96 -1.86 5.43 -4.91
N VAL A 97 -1.80 4.97 -3.67
CA VAL A 97 -1.42 3.60 -3.36
C VAL A 97 -2.63 2.89 -2.78
N LEU A 98 -3.09 1.89 -3.50
CA LEU A 98 -4.16 1.00 -3.06
C LEU A 98 -3.56 -0.19 -2.33
N LEU A 99 -4.36 -0.78 -1.45
CA LEU A 99 -3.97 -1.99 -0.74
C LEU A 99 -4.91 -3.11 -1.16
N LEU A 100 -4.34 -4.25 -1.57
CA LEU A 100 -5.13 -5.41 -1.98
C LEU A 100 -4.92 -6.53 -0.97
N VAL A 101 -6.00 -6.93 -0.31
CA VAL A 101 -5.91 -7.69 0.94
C VAL A 101 -6.67 -9.00 0.77
N SER A 102 -5.99 -10.10 1.09
CA SER A 102 -6.63 -11.40 1.10
C SER A 102 -7.57 -11.55 2.31
N ASP A 103 -8.66 -12.29 2.10
CA ASP A 103 -9.55 -12.70 3.17
C ASP A 103 -9.59 -14.23 3.19
N PRO A 104 -9.16 -14.89 4.28
CA PRO A 104 -9.23 -16.35 4.40
C PRO A 104 -10.66 -16.88 4.52
N LYS B 30 26.39 -1.55 6.32
CA LYS B 30 25.34 -1.96 5.38
C LYS B 30 23.97 -1.39 5.75
N ARG B 31 23.28 -0.76 4.80
CA ARG B 31 21.98 -0.13 5.00
C ARG B 31 21.01 -0.63 3.95
N TYR B 32 19.76 -0.85 4.34
CA TYR B 32 18.70 -1.13 3.39
C TYR B 32 17.81 0.10 3.26
N HIS B 33 17.29 0.31 2.05
CA HIS B 33 16.34 1.39 1.79
C HIS B 33 14.98 0.74 1.61
N ILE B 34 14.15 0.79 2.64
CA ILE B 34 12.86 0.13 2.64
C ILE B 34 11.79 1.20 2.60
N LYS B 35 10.55 0.77 2.43
CA LYS B 35 9.40 1.65 2.47
C LYS B 35 8.40 1.11 3.48
N VAL B 36 7.77 2.02 4.21
CA VAL B 36 6.68 1.69 5.11
C VAL B 36 5.42 2.27 4.52
N HIS B 37 4.45 1.41 4.27
CA HIS B 37 3.16 1.84 3.76
C HIS B 37 2.27 2.12 4.97
N LEU B 38 2.05 3.41 5.25
CA LEU B 38 1.13 3.81 6.30
C LEU B 38 -0.26 3.64 5.72
N ALA B 39 -0.95 2.59 6.18
CA ALA B 39 -2.26 2.23 5.62
C ALA B 39 -3.30 3.35 5.82
N ASP B 40 -3.34 3.96 7.00
CA ASP B 40 -4.36 4.98 7.25
C ASP B 40 -4.13 6.24 6.41
N GLU B 41 -2.90 6.74 6.39
CA GLU B 41 -2.57 7.92 5.61
C GLU B 41 -2.43 7.65 4.12
N ALA B 42 -2.34 6.38 3.72
CA ALA B 42 -2.13 5.96 2.33
C ALA B 42 -0.82 6.52 1.77
N LEU B 43 0.23 6.51 2.57
CA LEU B 43 1.53 7.03 2.18
C LEU B 43 2.58 5.95 2.27
N LEU B 44 3.67 6.19 1.56
CA LEU B 44 4.77 5.24 1.38
C LEU B 44 6.05 5.92 1.87
N LEU B 45 6.41 5.70 3.14
CA LEU B 45 7.52 6.45 3.75
C LEU B 45 8.82 5.69 3.61
N PRO B 46 9.81 6.23 2.91
CA PRO B 46 11.14 5.58 2.88
C PRO B 46 11.86 5.69 4.21
N LEU B 47 12.48 4.58 4.63
CA LEU B 47 13.39 4.55 5.76
C LEU B 47 14.70 3.91 5.35
N THR B 48 15.79 4.40 5.92
CA THR B 48 17.07 3.74 5.83
C THR B 48 17.28 3.00 7.14
N VAL B 49 17.60 1.72 7.05
CA VAL B 49 17.69 0.86 8.21
C VAL B 49 18.92 -0.03 8.07
N ARG B 50 19.37 -0.52 9.18
CA ARG B 50 20.40 -1.54 9.24
C ARG B 50 19.79 -2.90 9.51
N PRO B 51 20.41 -3.96 8.99
CA PRO B 51 19.91 -5.33 9.27
C PRO B 51 19.69 -5.61 10.75
N ARG B 52 20.53 -5.06 11.61
CA ARG B 52 20.37 -5.30 13.04
C ARG B 52 19.36 -4.38 13.70
N ASP B 53 18.77 -3.42 12.98
CA ASP B 53 17.71 -2.62 13.59
C ASP B 53 16.50 -3.49 13.93
N THR B 54 15.95 -3.29 15.12
CA THR B 54 14.67 -3.91 15.43
C THR B 54 13.53 -3.14 14.79
N LEU B 55 12.37 -3.79 14.69
CA LEU B 55 11.17 -3.07 14.28
C LEU B 55 10.85 -1.98 15.28
N SER B 56 11.22 -2.18 16.54
CA SER B 56 11.12 -1.10 17.50
C SER B 56 11.96 0.11 17.09
N ASP B 57 13.15 -0.11 16.52
CA ASP B 57 13.94 1.00 16.00
C ASP B 57 13.23 1.69 14.83
N LEU B 58 12.66 0.92 13.91
CA LEU B 58 11.91 1.51 12.80
C LEU B 58 10.75 2.34 13.33
N ARG B 59 10.06 1.85 14.36
CA ARG B 59 8.98 2.62 14.96
C ARG B 59 9.48 3.97 15.49
N ALA B 60 10.61 3.97 16.20
CA ALA B 60 11.14 5.24 16.69
C ALA B 60 11.44 6.20 15.53
N GLN B 61 11.92 5.67 14.39
CA GLN B 61 12.12 6.54 13.23
C GLN B 61 10.80 7.15 12.78
N LEU B 62 9.75 6.33 12.71
CA LEU B 62 8.46 6.85 12.26
C LEU B 62 7.93 7.88 13.25
N VAL B 63 8.11 7.62 14.55
CA VAL B 63 7.67 8.56 15.58
C VAL B 63 8.40 9.88 15.43
N GLY B 64 9.70 9.83 15.15
CA GLY B 64 10.44 11.06 14.91
C GLY B 64 9.92 11.86 13.73
N GLN B 65 9.21 11.22 12.81
CA GLN B 65 8.61 11.88 11.65
C GLN B 65 7.15 12.26 11.88
N GLY B 66 6.66 12.14 13.10
CA GLY B 66 5.29 12.51 13.41
C GLY B 66 4.25 11.46 13.15
N VAL B 67 4.65 10.22 12.85
CA VAL B 67 3.67 9.17 12.62
C VAL B 67 3.07 8.74 13.96
N SER B 68 1.74 8.75 14.04
CA SER B 68 1.08 8.40 15.28
C SER B 68 1.09 6.87 15.38
N SER B 69 2.07 6.33 16.11
CA SER B 69 2.34 4.90 16.04
C SER B 69 1.70 4.10 17.17
N TRP B 70 1.09 4.76 18.14
CA TRP B 70 0.43 4.04 19.23
C TRP B 70 -0.57 3.04 18.68
N LYS B 71 -0.42 1.77 19.08
CA LYS B 71 -1.31 0.68 18.69
C LYS B 71 -1.38 0.47 17.18
N ARG B 72 -0.28 0.74 16.49
CA ARG B 72 -0.09 0.32 15.11
C ARG B 72 0.97 -0.77 15.10
N ALA B 73 0.78 -1.80 14.27
CA ALA B 73 1.73 -2.88 14.16
C ALA B 73 2.22 -3.02 12.73
N PHE B 74 3.41 -3.59 12.60
CA PHE B 74 4.01 -3.85 11.30
C PHE B 74 3.54 -5.21 10.75
N TYR B 75 3.33 -5.25 9.44
CA TYR B 75 3.00 -6.47 8.73
C TYR B 75 3.97 -6.61 7.57
N TYR B 76 4.35 -7.86 7.27
CA TYR B 76 5.13 -8.17 6.08
C TYR B 76 4.58 -9.47 5.54
N ASN B 77 4.32 -9.51 4.23
CA ASN B 77 3.61 -10.66 3.66
C ASN B 77 2.33 -10.93 4.42
N ALA B 78 1.70 -9.85 4.92
CA ALA B 78 0.41 -9.92 5.59
C ALA B 78 0.45 -10.71 6.89
N ARG B 79 1.63 -10.98 7.43
CA ARG B 79 1.78 -11.55 8.76
C ARG B 79 2.22 -10.46 9.72
N ARG B 80 1.54 -10.38 10.86
CA ARG B 80 1.90 -9.44 11.92
C ARG B 80 3.29 -9.72 12.43
N LEU B 81 4.09 -8.66 12.60
CA LEU B 81 5.48 -8.79 13.00
C LEU B 81 5.63 -8.40 14.47
N ASP B 82 6.63 -9.00 15.13
CA ASP B 82 6.94 -8.70 16.52
C ASP B 82 7.97 -7.58 16.59
N ASP B 83 7.70 -6.56 17.41
CA ASP B 83 8.58 -5.39 17.45
C ASP B 83 10.02 -5.74 17.81
N HIS B 84 10.26 -6.86 18.52
CA HIS B 84 11.62 -7.29 18.85
C HIS B 84 12.37 -7.86 17.66
N GLN B 85 11.68 -8.23 16.58
CA GLN B 85 12.36 -8.85 15.45
C GLN B 85 13.24 -7.85 14.72
N THR B 86 14.40 -8.30 14.24
CA THR B 86 15.28 -7.40 13.52
C THR B 86 14.91 -7.37 12.03
N VAL B 87 15.34 -6.30 11.37
CA VAL B 87 15.24 -6.23 9.92
C VAL B 87 15.75 -7.51 9.29
N ARG B 88 16.93 -7.96 9.72
CA ARG B 88 17.54 -9.17 9.14
C ARG B 88 16.64 -10.38 9.34
N ASP B 89 16.16 -10.60 10.59
CA ASP B 89 15.37 -11.80 10.83
C ASP B 89 14.00 -11.72 10.18
N ALA B 90 13.45 -10.52 10.03
CA ALA B 90 12.22 -10.40 9.25
C ALA B 90 12.48 -10.58 7.76
N ARG B 91 13.74 -10.81 7.38
CA ARG B 91 14.09 -11.12 6.00
C ARG B 91 13.81 -9.93 5.07
N LEU B 92 14.02 -8.73 5.57
CA LEU B 92 13.88 -7.54 4.74
C LEU B 92 15.15 -7.31 3.94
N GLN B 93 15.00 -6.69 2.78
CA GLN B 93 16.17 -6.34 1.98
C GLN B 93 15.91 -4.99 1.36
N ASP B 94 16.89 -4.51 0.59
CA ASP B 94 16.72 -3.27 -0.14
C ASP B 94 15.39 -3.27 -0.88
N GLY B 95 14.61 -2.21 -0.68
CA GLY B 95 13.33 -2.04 -1.35
C GLY B 95 12.15 -2.74 -0.71
N SER B 96 12.34 -3.47 0.38
CA SER B 96 11.21 -4.14 1.02
C SER B 96 10.13 -3.13 1.44
N VAL B 97 8.87 -3.51 1.27
CA VAL B 97 7.72 -2.68 1.64
C VAL B 97 7.05 -3.31 2.85
N LEU B 98 7.12 -2.63 3.98
CA LEU B 98 6.40 -3.01 5.19
C LEU B 98 5.04 -2.33 5.20
N LEU B 99 4.14 -2.84 6.03
CA LEU B 99 2.79 -2.29 6.14
C LEU B 99 2.51 -1.97 7.60
N LEU B 100 2.12 -0.71 7.87
CA LEU B 100 1.82 -0.28 9.22
C LEU B 100 0.31 -0.11 9.33
N VAL B 101 -0.30 -0.83 10.27
CA VAL B 101 -1.75 -0.97 10.36
C VAL B 101 -2.16 -0.70 11.80
N SER B 102 -3.24 0.07 11.96
CA SER B 102 -3.79 0.36 13.27
C SER B 102 -4.54 -0.85 13.82
N ASP B 103 -4.55 -0.97 15.14
CA ASP B 103 -5.14 -2.13 15.80
C ASP B 103 -6.64 -1.97 15.98
N PRO B 104 -7.38 -3.08 16.11
CA PRO B 104 -8.79 -3.16 16.48
C PRO B 104 -9.18 -2.20 17.61
#